data_2CWD
#
_entry.id   2CWD
#
_cell.length_a   98.108
_cell.length_b   31.293
_cell.length_c   102.605
_cell.angle_alpha   90.00
_cell.angle_beta   98.70
_cell.angle_gamma   90.00
#
_symmetry.space_group_name_H-M   'P 1 21 1'
#
loop_
_entity.id
_entity.type
_entity.pdbx_description
1 polymer 'low molecular weight phosphotyrosine protein phosphatase'
2 non-polymer 'MAGNESIUM ION'
3 water water
#
_entity_poly.entity_id   1
_entity_poly.type   'polypeptide(L)'
_entity_poly.pdbx_seq_one_letter_code
;MDRPVRVLFVCLGNICRSPMAEGIFRKLLKERGLEDRFEVDSAGTGAWHVGEPMDPRARRVLEEEGAYFPHVARRLTRED
VLAYDHILVMDRENLEEVLRRFPEARGKVRLVLEELGGGEVQDPYYGDLEDFREVYWTLEAALQAFLDRHGSPSPAAEGR
A
;
_entity_poly.pdbx_strand_id   A,B,C,D
#
loop_
_chem_comp.id
_chem_comp.type
_chem_comp.name
_chem_comp.formula
MG non-polymer 'MAGNESIUM ION' 'Mg 2'
#
# COMPACT_ATOMS: atom_id res chain seq x y z
N ASP A 2 24.53 36.46 16.75
CA ASP A 2 23.74 35.27 17.22
C ASP A 2 23.77 34.16 16.17
N ARG A 3 23.95 32.93 16.63
CA ARG A 3 24.03 31.77 15.75
C ARG A 3 22.69 31.48 15.07
N PRO A 4 22.70 30.59 14.06
CA PRO A 4 21.47 30.24 13.33
C PRO A 4 20.47 29.56 14.27
N VAL A 5 19.20 29.84 14.03
CA VAL A 5 18.09 29.28 14.81
C VAL A 5 17.93 27.80 14.48
N ARG A 6 17.79 26.98 15.51
CA ARG A 6 17.65 25.53 15.33
C ARG A 6 16.22 25.06 15.55
N VAL A 7 15.71 24.34 14.55
CA VAL A 7 14.35 23.84 14.59
C VAL A 7 14.31 22.33 14.52
N LEU A 8 13.55 21.72 15.43
CA LEU A 8 13.41 20.27 15.47
C LEU A 8 11.95 19.86 15.45
N PHE A 9 11.55 19.10 14.43
CA PHE A 9 10.18 18.62 14.32
C PHE A 9 10.10 17.26 15.01
N VAL A 10 9.03 17.05 15.77
CA VAL A 10 8.89 15.82 16.52
C VAL A 10 7.54 15.12 16.44
N CYS A 11 7.56 13.83 16.16
CA CYS A 11 6.32 13.05 16.17
C CYS A 11 6.68 11.77 16.92
N LEU A 12 5.80 10.78 16.91
CA LEU A 12 6.08 9.55 17.63
C LEU A 12 7.17 8.68 17.01
N GLY A 13 6.98 8.25 15.77
CA GLY A 13 7.94 7.37 15.14
C GLY A 13 9.04 7.97 14.29
N ASN A 14 8.86 9.22 13.88
CA ASN A 14 9.83 9.95 13.06
C ASN A 14 9.96 9.37 11.64
N ILE A 15 8.88 8.78 11.13
CA ILE A 15 8.90 8.25 9.77
C ILE A 15 7.80 8.83 8.88
N CYS A 16 6.87 9.60 9.45
CA CYS A 16 5.80 10.19 8.66
C CYS A 16 5.69 11.72 8.76
N ARG A 17 4.97 12.20 9.77
CA ARG A 17 4.77 13.64 9.96
C ARG A 17 6.01 14.49 10.19
N SER A 18 6.87 14.12 11.15
CA SER A 18 8.04 14.95 11.42
C SER A 18 9.05 14.99 10.26
N PRO A 19 9.32 13.84 9.61
CA PRO A 19 10.28 13.96 8.51
C PRO A 19 9.70 14.77 7.34
N MET A 20 8.38 14.74 7.16
CA MET A 20 7.74 15.52 6.09
C MET A 20 7.85 17.00 6.47
N ALA A 21 7.68 17.29 7.75
CA ALA A 21 7.79 18.68 8.19
C ALA A 21 9.21 19.17 7.90
N GLU A 22 10.21 18.31 8.11
CA GLU A 22 11.61 18.70 7.86
C GLU A 22 11.90 18.93 6.38
N GLY A 23 11.35 18.07 5.52
CA GLY A 23 11.57 18.20 4.08
C GLY A 23 10.98 19.49 3.56
N ILE A 24 9.77 19.82 4.02
CA ILE A 24 9.08 21.04 3.62
C ILE A 24 9.86 22.27 4.07
N PHE A 25 10.32 22.23 5.31
CA PHE A 25 11.09 23.33 5.89
C PHE A 25 12.38 23.57 5.09
N ARG A 26 13.06 22.48 4.73
CA ARG A 26 14.30 22.57 3.97
C ARG A 26 14.03 23.20 2.60
N LYS A 27 12.89 22.86 2.02
CA LYS A 27 12.51 23.40 0.71
C LYS A 27 12.25 24.91 0.81
N LEU A 28 11.53 25.31 1.85
CA LEU A 28 11.22 26.72 2.05
C LEU A 28 12.47 27.54 2.34
N LEU A 29 13.41 26.98 3.10
CA LEU A 29 14.63 27.68 3.41
C LEU A 29 15.38 28.03 2.12
N LYS A 30 15.36 27.10 1.16
CA LYS A 30 16.03 27.31 -0.12
C LYS A 30 15.33 28.38 -0.95
N GLU A 31 14.01 28.29 -1.06
CA GLU A 31 13.26 29.25 -1.85
C GLU A 31 13.38 30.66 -1.29
N ARG A 32 13.41 30.79 0.03
CA ARG A 32 13.50 32.10 0.65
C ARG A 32 14.91 32.61 0.90
N GLY A 33 15.92 31.79 0.58
CA GLY A 33 17.29 32.20 0.79
C GLY A 33 17.63 32.37 2.26
N LEU A 34 17.21 31.42 3.09
CA LEU A 34 17.45 31.49 4.53
C LEU A 34 18.26 30.33 5.09
N GLU A 35 18.94 29.59 4.22
CA GLU A 35 19.72 28.44 4.68
C GLU A 35 20.86 28.81 5.63
N ASP A 36 21.31 30.06 5.60
CA ASP A 36 22.39 30.51 6.47
C ASP A 36 21.88 30.98 7.83
N ARG A 37 20.57 31.02 8.00
CA ARG A 37 19.98 31.47 9.25
C ARG A 37 19.23 30.42 10.06
N PHE A 38 19.05 29.23 9.48
CA PHE A 38 18.32 28.16 10.16
C PHE A 38 18.96 26.80 10.00
N GLU A 39 18.72 25.94 10.98
CA GLU A 39 19.21 24.56 10.98
C GLU A 39 17.97 23.74 11.33
N VAL A 40 17.83 22.57 10.71
CA VAL A 40 16.66 21.75 10.98
C VAL A 40 16.94 20.26 11.00
N ASP A 41 16.11 19.54 11.75
CA ASP A 41 16.21 18.10 11.88
C ASP A 41 14.85 17.66 12.44
N SER A 42 14.64 16.35 12.53
CA SER A 42 13.39 15.83 13.07
C SER A 42 13.75 14.59 13.86
N ALA A 43 12.92 14.28 14.85
CA ALA A 43 13.16 13.11 15.69
C ALA A 43 11.83 12.61 16.24
N GLY A 44 11.86 11.39 16.78
CA GLY A 44 10.66 10.82 17.34
C GLY A 44 10.79 10.59 18.84
N THR A 45 9.66 10.52 19.53
CA THR A 45 9.67 10.26 20.97
C THR A 45 9.92 8.77 21.22
N GLY A 46 9.61 7.95 20.24
CA GLY A 46 9.81 6.51 20.37
C GLY A 46 11.02 6.01 19.61
N ALA A 47 11.41 4.76 19.87
CA ALA A 47 12.57 4.18 19.21
C ALA A 47 12.27 3.04 18.24
N TRP A 48 11.00 2.74 18.03
CA TRP A 48 10.61 1.63 17.15
C TRP A 48 11.20 1.68 15.74
N HIS A 49 11.42 2.87 15.19
CA HIS A 49 11.95 2.99 13.83
C HIS A 49 13.37 3.49 13.68
N VAL A 50 14.11 3.56 14.77
CA VAL A 50 15.47 4.07 14.69
C VAL A 50 16.30 3.45 13.57
N GLY A 51 16.95 4.33 12.80
CA GLY A 51 17.79 3.88 11.71
C GLY A 51 17.09 3.72 10.37
N GLU A 52 15.77 3.70 10.40
CA GLU A 52 14.96 3.54 9.18
C GLU A 52 14.75 4.80 8.36
N PRO A 53 14.46 4.64 7.05
CA PRO A 53 14.22 5.81 6.22
C PRO A 53 12.75 6.17 6.48
N MET A 54 12.30 7.30 5.96
CA MET A 54 10.92 7.69 6.19
C MET A 54 9.99 6.70 5.51
N ASP A 55 8.71 6.78 5.87
CA ASP A 55 7.68 5.91 5.31
C ASP A 55 7.59 6.12 3.80
N PRO A 56 7.42 5.03 3.03
CA PRO A 56 7.32 5.12 1.56
C PRO A 56 6.29 6.13 1.08
N ARG A 57 5.17 6.23 1.80
CA ARG A 57 4.12 7.17 1.43
C ARG A 57 4.61 8.60 1.66
N ALA A 58 5.42 8.78 2.70
CA ALA A 58 5.96 10.10 3.00
C ALA A 58 6.97 10.47 1.90
N ARG A 59 7.86 9.54 1.58
CA ARG A 59 8.84 9.80 0.54
C ARG A 59 8.16 10.13 -0.78
N ARG A 60 7.09 9.39 -1.11
CA ARG A 60 6.38 9.62 -2.36
C ARG A 60 5.81 11.02 -2.45
N VAL A 61 5.12 11.45 -1.40
CA VAL A 61 4.53 12.77 -1.39
C VAL A 61 5.59 13.88 -1.44
N LEU A 62 6.70 13.68 -0.72
CA LEU A 62 7.75 14.70 -0.72
C LEU A 62 8.36 14.78 -2.12
N GLU A 63 8.52 13.64 -2.79
CA GLU A 63 9.08 13.64 -4.13
C GLU A 63 8.12 14.37 -5.07
N GLU A 64 6.83 14.16 -4.89
CA GLU A 64 5.84 14.82 -5.75
C GLU A 64 5.94 16.33 -5.63
N GLU A 65 6.27 16.82 -4.44
CA GLU A 65 6.37 18.25 -4.21
C GLU A 65 7.79 18.82 -4.24
N GLY A 66 8.78 17.99 -4.54
CA GLY A 66 10.15 18.47 -4.57
C GLY A 66 10.64 18.87 -3.19
N ALA A 67 10.30 18.07 -2.18
CA ALA A 67 10.72 18.34 -0.81
C ALA A 67 11.37 17.14 -0.15
N TYR A 68 11.82 16.18 -0.96
CA TYR A 68 12.46 14.98 -0.42
C TYR A 68 13.91 15.27 -0.02
N PHE A 69 14.41 14.49 0.91
CA PHE A 69 15.77 14.64 1.40
C PHE A 69 16.16 13.33 2.08
N PRO A 70 17.47 13.08 2.24
CA PRO A 70 17.86 11.84 2.90
C PRO A 70 17.55 11.90 4.39
N HIS A 71 16.57 11.12 4.82
CA HIS A 71 16.18 11.11 6.22
C HIS A 71 16.50 9.78 6.88
N VAL A 72 16.86 9.85 8.15
CA VAL A 72 17.16 8.68 8.94
C VAL A 72 16.40 8.93 10.24
N ALA A 73 15.49 8.03 10.59
CA ALA A 73 14.70 8.20 11.80
C ALA A 73 15.56 7.97 13.02
N ARG A 74 15.37 8.80 14.03
CA ARG A 74 16.12 8.69 15.27
C ARG A 74 15.22 9.08 16.42
N ARG A 75 15.64 8.76 17.65
CA ARG A 75 14.83 9.08 18.81
C ARG A 75 15.36 10.31 19.54
N LEU A 76 14.45 11.19 19.92
CA LEU A 76 14.78 12.42 20.63
C LEU A 76 15.62 12.14 21.87
N THR A 77 16.61 12.99 22.12
CA THR A 77 17.49 12.82 23.28
C THR A 77 17.53 14.10 24.12
N ARG A 78 18.12 13.99 25.31
CA ARG A 78 18.24 15.15 26.19
C ARG A 78 19.10 16.20 25.52
N GLU A 79 20.08 15.77 24.72
CA GLU A 79 20.95 16.72 24.03
C GLU A 79 20.14 17.56 23.06
N ASP A 80 19.20 16.93 22.36
CA ASP A 80 18.34 17.65 21.42
C ASP A 80 17.59 18.78 22.11
N VAL A 81 17.00 18.47 23.26
CA VAL A 81 16.23 19.47 24.00
C VAL A 81 17.08 20.68 24.40
N LEU A 82 18.36 20.43 24.68
CA LEU A 82 19.27 21.50 25.06
C LEU A 82 19.73 22.31 23.85
N ALA A 83 20.06 21.62 22.78
CA ALA A 83 20.56 22.25 21.56
C ALA A 83 19.55 23.02 20.69
N TYR A 84 18.34 22.48 20.53
CA TYR A 84 17.35 23.15 19.69
C TYR A 84 16.60 24.32 20.31
N ASP A 85 16.31 25.32 19.50
CA ASP A 85 15.60 26.51 19.94
C ASP A 85 14.09 26.32 19.82
N HIS A 86 13.66 25.61 18.78
CA HIS A 86 12.24 25.36 18.57
C HIS A 86 11.98 23.87 18.46
N ILE A 87 11.15 23.34 19.35
CA ILE A 87 10.81 21.93 19.32
C ILE A 87 9.34 21.91 18.96
N LEU A 88 9.07 21.67 17.69
CA LEU A 88 7.71 21.66 17.17
C LEU A 88 7.12 20.26 16.99
N VAL A 89 6.20 19.91 17.89
CA VAL A 89 5.54 18.60 17.85
C VAL A 89 4.24 18.63 17.03
N MET A 90 3.83 17.46 16.56
CA MET A 90 2.63 17.36 15.74
C MET A 90 1.30 17.43 16.48
N ASP A 91 1.17 16.71 17.60
CA ASP A 91 -0.07 16.72 18.36
C ASP A 91 0.14 16.78 19.88
N ARG A 92 -0.95 16.76 20.63
CA ARG A 92 -0.87 16.84 22.08
C ARG A 92 -0.25 15.63 22.75
N GLU A 93 -0.36 14.46 22.14
CA GLU A 93 0.26 13.29 22.75
C GLU A 93 1.79 13.44 22.67
N ASN A 94 2.27 13.96 21.54
CA ASN A 94 3.71 14.19 21.34
C ASN A 94 4.19 15.21 22.37
N LEU A 95 3.40 16.27 22.51
CA LEU A 95 3.71 17.36 23.42
C LEU A 95 3.85 16.86 24.86
N GLU A 96 2.89 16.06 25.31
CA GLU A 96 2.91 15.52 26.65
C GLU A 96 4.07 14.57 26.87
N GLU A 97 4.43 13.82 25.83
CA GLU A 97 5.53 12.86 25.90
C GLU A 97 6.88 13.55 26.01
N VAL A 98 7.07 14.64 25.26
CA VAL A 98 8.32 15.39 25.31
C VAL A 98 8.50 15.96 26.71
N LEU A 99 7.45 16.59 27.22
CA LEU A 99 7.46 17.19 28.56
C LEU A 99 7.62 16.18 29.70
N ARG A 100 7.21 14.93 29.47
CA ARG A 100 7.32 13.91 30.49
C ARG A 100 8.78 13.53 30.68
N ARG A 101 9.46 13.28 29.57
CA ARG A 101 10.88 12.90 29.62
C ARG A 101 11.80 14.09 29.87
N PHE A 102 11.49 15.20 29.23
CA PHE A 102 12.33 16.39 29.33
C PHE A 102 11.56 17.62 29.73
N PRO A 103 11.11 17.70 31.00
CA PRO A 103 10.39 18.87 31.48
C PRO A 103 11.20 20.13 31.20
N GLU A 104 12.51 19.93 31.03
CA GLU A 104 13.42 21.07 30.83
C GLU A 104 13.13 21.84 29.54
N ALA A 105 12.23 21.26 28.71
CA ALA A 105 11.93 21.90 27.43
C ALA A 105 10.69 22.81 27.52
N ARG A 106 10.37 23.20 28.77
CA ARG A 106 9.13 23.90 29.05
C ARG A 106 8.77 24.97 28.00
N GLY A 107 9.71 25.90 27.78
CA GLY A 107 9.38 27.08 27.01
C GLY A 107 9.49 26.89 25.49
N LYS A 108 10.33 25.90 25.07
CA LYS A 108 10.60 25.80 23.64
C LYS A 108 9.79 24.72 22.88
N VAL A 109 9.07 23.85 23.62
CA VAL A 109 8.25 22.88 22.90
C VAL A 109 6.80 23.35 22.74
N ARG A 110 6.26 23.18 21.54
CA ARG A 110 4.88 23.59 21.27
C ARG A 110 4.41 22.93 19.99
N LEU A 111 3.09 22.93 19.79
CA LEU A 111 2.47 22.35 18.60
C LEU A 111 2.87 23.14 17.38
N VAL A 112 3.27 22.44 16.32
CA VAL A 112 3.67 23.11 15.09
C VAL A 112 2.56 24.03 14.59
N LEU A 113 1.30 23.62 14.77
CA LEU A 113 0.19 24.44 14.30
C LEU A 113 -0.09 25.69 15.14
N GLU A 114 0.71 25.93 16.18
CA GLU A 114 0.52 27.13 16.98
C GLU A 114 0.80 28.35 16.10
N GLU A 115 1.62 28.14 15.07
CA GLU A 115 1.96 29.22 14.14
C GLU A 115 0.69 29.75 13.47
N LEU A 116 -0.34 28.91 13.45
CA LEU A 116 -1.62 29.28 12.85
C LEU A 116 -2.71 29.38 13.92
N GLY A 117 -2.29 29.53 15.16
CA GLY A 117 -3.26 29.67 16.24
C GLY A 117 -3.72 28.43 16.97
N GLY A 118 -3.07 27.29 16.75
CA GLY A 118 -3.47 26.08 17.46
C GLY A 118 -4.00 24.94 16.59
N GLY A 119 -3.92 23.73 17.13
CA GLY A 119 -4.39 22.56 16.40
C GLY A 119 -3.40 21.41 16.44
N GLU A 120 -3.85 20.25 15.97
CA GLU A 120 -3.00 19.07 15.93
C GLU A 120 -2.91 18.55 14.50
N VAL A 121 -1.73 18.06 14.11
CA VAL A 121 -1.58 17.49 12.79
C VAL A 121 -1.89 16.01 12.98
N GLN A 122 -2.99 15.58 12.38
CA GLN A 122 -3.44 14.20 12.47
C GLN A 122 -2.44 13.20 11.90
N ASP A 123 -2.35 12.04 12.55
CA ASP A 123 -1.44 10.96 12.16
C ASP A 123 -2.00 10.25 10.91
N PRO A 124 -1.24 10.23 9.81
CA PRO A 124 -1.71 9.58 8.59
C PRO A 124 -1.27 8.12 8.42
N TYR A 125 -0.47 7.62 9.36
CA TYR A 125 0.06 6.27 9.28
C TYR A 125 -0.94 5.18 8.87
N TYR A 126 -2.15 5.25 9.40
CA TYR A 126 -3.17 4.26 9.08
C TYR A 126 -4.02 4.60 7.86
N GLY A 127 -3.67 5.70 7.18
CA GLY A 127 -4.42 6.12 6.02
C GLY A 127 -3.71 5.78 4.71
N ASP A 128 -4.02 6.54 3.67
CA ASP A 128 -3.40 6.31 2.38
C ASP A 128 -2.65 7.55 1.92
N LEU A 129 -2.20 7.49 0.67
CA LEU A 129 -1.44 8.58 0.06
C LEU A 129 -2.13 9.94 0.17
N GLU A 130 -3.45 9.97 -0.04
CA GLU A 130 -4.16 11.24 0.03
C GLU A 130 -4.15 11.85 1.44
N ASP A 131 -4.07 11.00 2.46
CA ASP A 131 -4.01 11.50 3.83
C ASP A 131 -2.63 12.11 4.04
N PHE A 132 -1.63 11.51 3.40
CA PHE A 132 -0.27 12.01 3.49
C PHE A 132 -0.16 13.36 2.76
N ARG A 133 -0.94 13.52 1.69
CA ARG A 133 -0.93 14.78 0.94
C ARG A 133 -1.62 15.87 1.75
N GLU A 134 -2.66 15.51 2.49
CA GLU A 134 -3.35 16.46 3.32
C GLU A 134 -2.45 16.96 4.44
N VAL A 135 -1.67 16.03 4.99
CA VAL A 135 -0.73 16.36 6.06
C VAL A 135 0.32 17.31 5.48
N TYR A 136 0.80 17.01 4.27
CA TYR A 136 1.79 17.84 3.62
C TYR A 136 1.35 19.30 3.52
N TRP A 137 0.15 19.54 3.01
CA TRP A 137 -0.31 20.92 2.84
C TRP A 137 -0.61 21.62 4.15
N THR A 138 -1.05 20.87 5.16
CA THR A 138 -1.32 21.44 6.46
C THR A 138 0.04 21.90 7.04
N LEU A 139 1.07 21.07 6.89
CA LEU A 139 2.39 21.42 7.38
C LEU A 139 2.99 22.56 6.57
N GLU A 140 2.76 22.54 5.26
CA GLU A 140 3.26 23.58 4.36
C GLU A 140 2.74 24.95 4.82
N ALA A 141 1.44 25.00 5.12
CA ALA A 141 0.82 26.25 5.57
C ALA A 141 1.39 26.73 6.90
N ALA A 142 1.60 25.81 7.83
CA ALA A 142 2.14 26.16 9.14
C ALA A 142 3.58 26.68 9.06
N LEU A 143 4.38 26.06 8.21
CA LEU A 143 5.78 26.44 8.06
C LEU A 143 5.99 27.75 7.30
N GLN A 144 5.09 28.07 6.36
CA GLN A 144 5.20 29.34 5.64
C GLN A 144 4.96 30.44 6.68
N ALA A 145 4.03 30.19 7.60
CA ALA A 145 3.71 31.16 8.65
C ALA A 145 4.87 31.25 9.64
N PHE A 146 5.50 30.11 9.94
CA PHE A 146 6.64 30.10 10.86
C PHE A 146 7.76 30.97 10.30
N LEU A 147 8.04 30.84 9.02
CA LEU A 147 9.10 31.63 8.40
C LEU A 147 8.74 33.11 8.25
N ASP A 148 7.46 33.42 8.06
CA ASP A 148 7.07 34.82 7.96
C ASP A 148 7.35 35.55 9.28
N ARG A 149 7.14 34.79 10.37
CA ARG A 149 7.28 35.39 11.70
C ARG A 149 8.71 35.28 12.24
N HIS A 150 9.39 34.19 11.88
CA HIS A 150 10.75 33.99 12.37
C HIS A 150 11.79 34.33 11.30
N GLY A 151 11.34 34.32 10.04
CA GLY A 151 12.25 34.67 8.95
C GLY A 151 12.19 36.16 8.61
N MET B 1 -34.84 -30.26 -17.14
CA MET B 1 -34.75 -28.85 -17.48
C MET B 1 -33.34 -28.47 -17.99
N ASP B 2 -33.25 -27.24 -18.52
CA ASP B 2 -31.94 -26.77 -18.94
C ASP B 2 -31.02 -26.65 -17.73
N ARG B 3 -29.70 -26.75 -17.93
CA ARG B 3 -28.74 -26.64 -16.85
C ARG B 3 -28.66 -25.18 -16.40
N PRO B 4 -27.97 -24.92 -15.27
CA PRO B 4 -27.85 -23.55 -14.77
C PRO B 4 -27.12 -22.65 -15.77
N VAL B 5 -27.36 -21.34 -15.70
CA VAL B 5 -26.69 -20.41 -16.61
C VAL B 5 -25.31 -20.11 -16.04
N ARG B 6 -24.28 -20.22 -16.88
CA ARG B 6 -22.88 -20.00 -16.48
C ARG B 6 -22.35 -18.63 -16.90
N VAL B 7 -21.91 -17.86 -15.91
CA VAL B 7 -21.38 -16.53 -16.14
C VAL B 7 -19.89 -16.46 -15.81
N LEU B 8 -19.12 -15.86 -16.72
CA LEU B 8 -17.68 -15.70 -16.51
C LEU B 8 -17.27 -14.24 -16.67
N PHE B 9 -16.66 -13.67 -15.63
CA PHE B 9 -16.20 -12.29 -15.66
C PHE B 9 -14.73 -12.28 -16.07
N VAL B 10 -14.37 -11.39 -16.99
CA VAL B 10 -13.02 -11.33 -17.50
C VAL B 10 -12.36 -9.95 -17.56
N CYS B 11 -11.10 -9.89 -17.12
CA CYS B 11 -10.32 -8.67 -17.22
C CYS B 11 -8.92 -9.12 -17.64
N LEU B 12 -7.90 -8.29 -17.49
CA LEU B 12 -6.56 -8.71 -17.90
C LEU B 12 -5.85 -9.64 -16.93
N GLY B 13 -5.63 -9.16 -15.70
CA GLY B 13 -4.94 -9.95 -14.70
C GLY B 13 -5.73 -10.88 -13.81
N ASN B 14 -7.04 -10.66 -13.72
CA ASN B 14 -7.94 -11.45 -12.89
C ASN B 14 -7.65 -11.28 -11.38
N ILE B 15 -7.19 -10.09 -10.98
CA ILE B 15 -6.95 -9.81 -9.57
C ILE B 15 -7.70 -8.56 -9.08
N CYS B 16 -8.30 -7.80 -9.98
CA CYS B 16 -9.07 -6.61 -9.57
C CYS B 16 -10.54 -6.59 -9.96
N ARG B 17 -10.86 -6.05 -11.14
CA ARG B 17 -12.24 -5.91 -11.58
C ARG B 17 -12.97 -7.27 -11.68
N SER B 18 -12.31 -8.25 -12.33
CA SER B 18 -13.03 -9.48 -12.62
C SER B 18 -13.46 -10.27 -11.36
N PRO B 19 -12.54 -10.44 -10.38
CA PRO B 19 -12.89 -11.09 -9.10
C PRO B 19 -13.92 -10.27 -8.32
N MET B 20 -13.83 -8.94 -8.38
CA MET B 20 -14.80 -8.15 -7.64
C MET B 20 -16.19 -8.41 -8.21
N ALA B 21 -16.29 -8.47 -9.54
CA ALA B 21 -17.58 -8.70 -10.17
C ALA B 21 -18.10 -10.06 -9.73
N GLU B 22 -17.22 -11.07 -9.66
CA GLU B 22 -17.65 -12.38 -9.24
C GLU B 22 -18.15 -12.35 -7.79
N GLY B 23 -17.41 -11.67 -6.93
CA GLY B 23 -17.80 -11.60 -5.53
C GLY B 23 -19.18 -10.99 -5.36
N ILE B 24 -19.42 -9.92 -6.10
CA ILE B 24 -20.70 -9.24 -6.04
C ILE B 24 -21.78 -10.19 -6.55
N PHE B 25 -21.51 -10.84 -7.68
CA PHE B 25 -22.49 -11.75 -8.27
C PHE B 25 -22.88 -12.85 -7.29
N ARG B 26 -21.90 -13.45 -6.61
CA ARG B 26 -22.15 -14.51 -5.64
C ARG B 26 -23.04 -14.00 -4.50
N LYS B 27 -22.72 -12.81 -4.01
CA LYS B 27 -23.49 -12.21 -2.91
C LYS B 27 -24.94 -12.02 -3.37
N LEU B 28 -25.11 -11.50 -4.58
CA LEU B 28 -26.46 -11.27 -5.13
C LEU B 28 -27.25 -12.55 -5.38
N LEU B 29 -26.58 -13.62 -5.82
CA LEU B 29 -27.24 -14.89 -6.04
C LEU B 29 -27.87 -15.41 -4.74
N LYS B 30 -27.05 -15.39 -3.67
CA LYS B 30 -27.52 -15.85 -2.37
C LYS B 30 -28.77 -15.08 -1.93
N GLU B 31 -28.69 -13.74 -2.08
CA GLU B 31 -29.76 -12.89 -1.55
C GLU B 31 -31.05 -13.03 -2.33
N ARG B 32 -30.92 -13.11 -3.67
CA ARG B 32 -32.11 -13.25 -4.50
C ARG B 32 -32.61 -14.69 -4.53
N GLY B 33 -31.81 -15.57 -3.88
CA GLY B 33 -32.17 -16.98 -3.86
C GLY B 33 -32.13 -17.58 -5.28
N LEU B 34 -31.03 -17.33 -5.97
CA LEU B 34 -30.84 -17.81 -7.33
C LEU B 34 -29.61 -18.69 -7.50
N GLU B 35 -29.07 -19.19 -6.39
CA GLU B 35 -27.81 -19.94 -6.45
C GLU B 35 -27.91 -21.23 -7.25
N ASP B 36 -29.16 -21.74 -7.39
CA ASP B 36 -29.34 -22.99 -8.12
C ASP B 36 -29.64 -22.77 -9.60
N ARG B 37 -29.63 -21.48 -10.01
CA ARG B 37 -29.95 -21.18 -11.39
C ARG B 37 -28.74 -20.64 -12.15
N PHE B 38 -27.68 -20.33 -11.38
CA PHE B 38 -26.53 -19.64 -11.97
C PHE B 38 -25.21 -20.25 -11.50
N GLU B 39 -24.24 -20.25 -12.42
CA GLU B 39 -22.91 -20.65 -12.01
C GLU B 39 -21.91 -19.54 -12.33
N VAL B 40 -20.91 -19.21 -11.52
CA VAL B 40 -20.07 -18.08 -11.86
C VAL B 40 -18.60 -18.31 -11.55
N ASP B 41 -17.74 -17.60 -12.29
CA ASP B 41 -16.29 -17.68 -12.10
C ASP B 41 -15.67 -16.45 -12.77
N SER B 42 -14.36 -16.26 -12.59
CA SER B 42 -13.64 -15.15 -13.18
C SER B 42 -12.30 -15.62 -13.74
N ALA B 43 -11.81 -14.96 -14.77
CA ALA B 43 -10.55 -15.33 -15.39
C ALA B 43 -9.93 -14.12 -16.07
N GLY B 44 -8.63 -14.17 -16.33
CA GLY B 44 -7.98 -13.05 -16.98
C GLY B 44 -7.45 -13.43 -18.35
N THR B 45 -7.33 -12.45 -19.24
CA THR B 45 -6.81 -12.76 -20.57
C THR B 45 -5.31 -13.07 -20.50
N GLY B 46 -4.64 -12.56 -19.46
CA GLY B 46 -3.22 -12.80 -19.32
C GLY B 46 -2.87 -13.80 -18.23
N ALA B 47 -1.60 -14.19 -18.14
CA ALA B 47 -1.19 -15.18 -17.13
C ALA B 47 -0.20 -14.66 -16.08
N TRP B 48 0.00 -13.35 -16.03
CA TRP B 48 0.95 -12.80 -15.07
C TRP B 48 0.64 -13.12 -13.60
N HIS B 49 -0.65 -13.15 -13.24
CA HIS B 49 -1.05 -13.40 -11.86
C HIS B 49 -1.60 -14.78 -11.54
N VAL B 50 -1.38 -15.74 -12.42
CA VAL B 50 -1.90 -17.09 -12.21
C VAL B 50 -1.52 -17.69 -10.85
N GLY B 51 -2.53 -18.19 -10.14
CA GLY B 51 -2.32 -18.81 -8.86
C GLY B 51 -2.36 -17.90 -7.65
N GLU B 52 -2.42 -16.59 -7.90
CA GLU B 52 -2.45 -15.62 -6.82
C GLU B 52 -3.84 -15.26 -6.33
N PRO B 53 -3.93 -14.68 -5.13
CA PRO B 53 -5.23 -14.30 -4.59
C PRO B 53 -5.52 -12.94 -5.21
N MET B 54 -6.71 -12.40 -4.99
CA MET B 54 -7.05 -11.10 -5.57
C MET B 54 -6.21 -10.00 -4.93
N ASP B 55 -6.16 -8.83 -5.58
CA ASP B 55 -5.43 -7.68 -5.08
C ASP B 55 -5.91 -7.35 -3.67
N PRO B 56 -4.99 -6.95 -2.77
CA PRO B 56 -5.39 -6.63 -1.39
C PRO B 56 -6.48 -5.57 -1.31
N ARG B 57 -6.47 -4.61 -2.22
CA ARG B 57 -7.49 -3.55 -2.20
C ARG B 57 -8.86 -4.08 -2.60
N ALA B 58 -8.87 -5.02 -3.55
CA ALA B 58 -10.13 -5.61 -4.00
C ALA B 58 -10.68 -6.42 -2.83
N ARG B 59 -9.80 -7.12 -2.13
CA ARG B 59 -10.23 -7.92 -1.00
C ARG B 59 -10.85 -7.03 0.07
N ARG B 60 -10.22 -5.89 0.33
CA ARG B 60 -10.72 -4.98 1.36
C ARG B 60 -12.11 -4.45 1.04
N VAL B 61 -12.32 -4.04 -0.20
CA VAL B 61 -13.63 -3.50 -0.56
C VAL B 61 -14.67 -4.59 -0.51
N LEU B 62 -14.34 -5.78 -1.02
CA LEU B 62 -15.32 -6.87 -0.96
C LEU B 62 -15.67 -7.20 0.49
N GLU B 63 -14.68 -7.18 1.38
CA GLU B 63 -14.96 -7.46 2.79
C GLU B 63 -15.82 -6.35 3.39
N GLU B 64 -15.56 -5.10 3.04
CA GLU B 64 -16.36 -4.00 3.58
C GLU B 64 -17.83 -4.18 3.21
N GLU B 65 -18.07 -4.69 2.00
CA GLU B 65 -19.41 -4.90 1.49
C GLU B 65 -19.96 -6.32 1.70
N GLY B 66 -19.17 -7.19 2.30
CA GLY B 66 -19.60 -8.56 2.52
C GLY B 66 -19.74 -9.39 1.24
N ALA B 67 -18.89 -9.12 0.27
CA ALA B 67 -18.94 -9.84 -1.01
C ALA B 67 -17.66 -10.61 -1.28
N TYR B 68 -16.88 -10.86 -0.23
CA TYR B 68 -15.62 -11.56 -0.39
C TYR B 68 -15.77 -13.08 -0.55
N PHE B 69 -14.78 -13.69 -1.22
CA PHE B 69 -14.76 -15.13 -1.45
C PHE B 69 -13.30 -15.51 -1.74
N PRO B 70 -12.92 -16.78 -1.49
CA PRO B 70 -11.56 -17.28 -1.72
C PRO B 70 -11.15 -17.42 -3.20
N HIS B 71 -10.86 -16.31 -3.85
CA HIS B 71 -10.47 -16.30 -5.25
C HIS B 71 -9.04 -16.73 -5.57
N VAL B 72 -8.87 -17.40 -6.70
CA VAL B 72 -7.56 -17.82 -7.19
C VAL B 72 -7.53 -17.33 -8.64
N ALA B 73 -6.55 -16.50 -8.98
CA ALA B 73 -6.44 -15.96 -10.33
C ALA B 73 -6.04 -17.02 -11.35
N ARG B 74 -6.64 -16.95 -12.54
CA ARG B 74 -6.34 -17.90 -13.61
C ARG B 74 -6.52 -17.26 -14.98
N ARG B 75 -5.95 -17.89 -16.01
CA ARG B 75 -6.06 -17.37 -17.36
C ARG B 75 -7.15 -18.04 -18.17
N LEU B 76 -7.94 -17.23 -18.86
CA LEU B 76 -9.03 -17.70 -19.71
C LEU B 76 -8.50 -18.76 -20.67
N THR B 77 -9.23 -19.86 -20.83
CA THR B 77 -8.82 -20.94 -21.73
C THR B 77 -9.88 -21.23 -22.80
N ARG B 78 -9.52 -22.08 -23.77
CA ARG B 78 -10.47 -22.42 -24.83
C ARG B 78 -11.71 -23.09 -24.26
N GLU B 79 -11.53 -23.89 -23.21
CA GLU B 79 -12.63 -24.59 -22.58
C GLU B 79 -13.65 -23.62 -21.95
N ASP B 80 -13.15 -22.52 -21.38
CA ASP B 80 -14.02 -21.52 -20.77
C ASP B 80 -14.98 -20.96 -21.82
N VAL B 81 -14.43 -20.55 -22.95
CA VAL B 81 -15.23 -19.99 -24.04
C VAL B 81 -16.32 -20.95 -24.48
N LEU B 82 -16.02 -22.24 -24.46
CA LEU B 82 -16.98 -23.27 -24.86
C LEU B 82 -18.09 -23.50 -23.83
N ALA B 83 -17.69 -23.62 -22.58
CA ALA B 83 -18.60 -23.92 -21.48
C ALA B 83 -19.51 -22.81 -20.94
N TYR B 84 -19.03 -21.56 -20.93
CA TYR B 84 -19.83 -20.47 -20.39
C TYR B 84 -20.81 -19.83 -21.37
N ASP B 85 -21.97 -19.43 -20.85
CA ASP B 85 -23.02 -18.78 -21.65
C ASP B 85 -22.77 -17.29 -21.79
N HIS B 86 -22.27 -16.68 -20.72
CA HIS B 86 -22.00 -15.24 -20.73
C HIS B 86 -20.54 -14.96 -20.37
N ILE B 87 -19.85 -14.24 -21.24
CA ILE B 87 -18.48 -13.85 -20.97
C ILE B 87 -18.54 -12.33 -20.91
N LEU B 88 -18.53 -11.81 -19.70
CA LEU B 88 -18.64 -10.37 -19.49
C LEU B 88 -17.29 -9.74 -19.18
N VAL B 89 -16.80 -8.95 -20.14
CA VAL B 89 -15.51 -8.30 -20.00
C VAL B 89 -15.67 -6.89 -19.42
N MET B 90 -14.59 -6.37 -18.86
CA MET B 90 -14.64 -5.05 -18.25
C MET B 90 -14.56 -3.89 -19.25
N ASP B 91 -13.58 -3.96 -20.15
CA ASP B 91 -13.40 -2.91 -21.14
C ASP B 91 -13.16 -3.43 -22.57
N ARG B 92 -13.10 -2.52 -23.52
CA ARG B 92 -12.90 -2.89 -24.92
C ARG B 92 -11.58 -3.59 -25.21
N GLU B 93 -10.53 -3.32 -24.43
CA GLU B 93 -9.28 -4.01 -24.66
C GLU B 93 -9.49 -5.49 -24.35
N ASN B 94 -10.21 -5.77 -23.26
CA ASN B 94 -10.50 -7.15 -22.88
C ASN B 94 -11.33 -7.82 -23.97
N LEU B 95 -12.31 -7.10 -24.51
CA LEU B 95 -13.18 -7.64 -25.54
C LEU B 95 -12.37 -8.06 -26.77
N GLU B 96 -11.51 -7.17 -27.23
CA GLU B 96 -10.67 -7.42 -28.40
C GLU B 96 -9.72 -8.59 -28.19
N GLU B 97 -9.17 -8.70 -26.98
CA GLU B 97 -8.23 -9.77 -26.67
C GLU B 97 -8.94 -11.13 -26.65
N VAL B 98 -10.14 -11.17 -26.08
CA VAL B 98 -10.89 -12.42 -26.04
C VAL B 98 -11.22 -12.84 -27.47
N LEU B 99 -11.71 -11.90 -28.28
CA LEU B 99 -12.06 -12.20 -29.67
C LEU B 99 -10.85 -12.52 -30.56
N ARG B 100 -9.69 -11.95 -30.22
CA ARG B 100 -8.49 -12.21 -31.00
C ARG B 100 -8.09 -13.67 -30.85
N ARG B 101 -8.07 -14.13 -29.61
CA ARG B 101 -7.67 -15.49 -29.30
C ARG B 101 -8.77 -16.53 -29.49
N PHE B 102 -9.99 -16.17 -29.14
CA PHE B 102 -11.13 -17.09 -29.24
C PHE B 102 -12.28 -16.49 -30.06
N PRO B 103 -12.11 -16.41 -31.38
CA PRO B 103 -13.21 -15.95 -32.24
C PRO B 103 -14.50 -16.74 -31.99
N GLU B 104 -14.33 -18.00 -31.50
CA GLU B 104 -15.50 -18.84 -31.28
C GLU B 104 -16.48 -18.29 -30.23
N ALA B 105 -15.96 -17.41 -29.38
CA ALA B 105 -16.84 -16.78 -28.38
C ALA B 105 -17.62 -15.60 -28.99
N ARG B 106 -17.69 -15.63 -30.34
CA ARG B 106 -18.18 -14.48 -31.11
C ARG B 106 -19.37 -13.76 -30.46
N GLY B 107 -20.47 -14.49 -30.17
CA GLY B 107 -21.69 -13.80 -29.72
C GLY B 107 -22.02 -14.06 -28.24
N LYS B 108 -20.97 -14.45 -27.49
CA LYS B 108 -21.18 -14.72 -26.06
C LYS B 108 -20.44 -13.70 -25.19
N VAL B 109 -19.42 -13.06 -25.80
CA VAL B 109 -18.64 -12.07 -25.06
C VAL B 109 -19.14 -10.65 -25.32
N ARG B 110 -19.25 -9.90 -24.23
CA ARG B 110 -19.67 -8.50 -24.32
C ARG B 110 -19.29 -7.74 -23.07
N LEU B 111 -19.32 -6.41 -23.16
CA LEU B 111 -19.00 -5.56 -22.02
C LEU B 111 -20.02 -5.79 -20.93
N VAL B 112 -19.57 -5.84 -19.69
CA VAL B 112 -20.48 -6.06 -18.58
C VAL B 112 -21.48 -4.90 -18.47
N LEU B 113 -21.07 -3.70 -18.87
CA LEU B 113 -21.96 -2.54 -18.79
C LEU B 113 -23.04 -2.50 -19.85
N GLU B 114 -23.04 -3.47 -20.77
CA GLU B 114 -24.08 -3.50 -21.79
C GLU B 114 -25.41 -3.70 -21.07
N GLU B 115 -25.34 -4.24 -19.85
CA GLU B 115 -26.54 -4.45 -19.06
C GLU B 115 -27.19 -3.09 -18.75
N LEU B 116 -26.38 -2.04 -18.78
CA LEU B 116 -26.88 -0.68 -18.53
C LEU B 116 -26.74 0.19 -19.78
N GLY B 117 -26.75 -0.45 -20.95
CA GLY B 117 -26.67 0.30 -22.19
C GLY B 117 -25.31 0.57 -22.80
N GLY B 118 -24.24 0.08 -22.17
CA GLY B 118 -22.92 0.28 -22.73
C GLY B 118 -21.93 0.95 -21.80
N GLY B 119 -20.66 0.90 -22.14
CA GLY B 119 -19.63 1.52 -21.33
C GLY B 119 -18.52 0.57 -20.92
N GLU B 120 -17.46 1.11 -20.34
CA GLU B 120 -16.33 0.30 -19.90
C GLU B 120 -16.10 0.52 -18.40
N VAL B 121 -15.67 -0.53 -17.71
CA VAL B 121 -15.38 -0.41 -16.29
C VAL B 121 -13.89 -0.08 -16.25
N GLN B 122 -13.57 1.11 -15.75
CA GLN B 122 -12.21 1.59 -15.65
C GLN B 122 -11.33 0.75 -14.73
N ASP B 123 -10.11 0.46 -15.20
CA ASP B 123 -9.12 -0.31 -14.44
C ASP B 123 -8.67 0.52 -13.24
N PRO B 124 -8.82 -0.01 -12.02
CA PRO B 124 -8.42 0.73 -10.81
C PRO B 124 -7.03 0.40 -10.25
N TYR B 125 -6.35 -0.55 -10.89
CA TYR B 125 -5.04 -0.99 -10.44
C TYR B 125 -4.03 0.08 -10.03
N TYR B 126 -3.95 1.18 -10.78
CA TYR B 126 -3.01 2.23 -10.45
C TYR B 126 -3.60 3.30 -9.54
N GLY B 127 -4.79 3.02 -9.01
CA GLY B 127 -5.45 3.99 -8.15
C GLY B 127 -5.43 3.62 -6.67
N ASP B 128 -6.35 4.23 -5.92
CA ASP B 128 -6.43 3.98 -4.49
C ASP B 128 -7.70 3.20 -4.10
N LEU B 129 -7.89 3.04 -2.80
CA LEU B 129 -9.03 2.30 -2.28
C LEU B 129 -10.36 2.85 -2.80
N GLU B 130 -10.47 4.18 -2.88
CA GLU B 130 -11.70 4.80 -3.37
C GLU B 130 -12.02 4.39 -4.80
N ASP B 131 -10.99 4.28 -5.64
CA ASP B 131 -11.21 3.88 -7.03
C ASP B 131 -11.82 2.48 -7.05
N PHE B 132 -11.34 1.61 -6.16
CA PHE B 132 -11.88 0.25 -6.08
C PHE B 132 -13.34 0.27 -5.62
N ARG B 133 -13.68 1.19 -4.72
CA ARG B 133 -15.05 1.27 -4.25
C ARG B 133 -15.99 1.78 -5.36
N GLU B 134 -15.53 2.61 -6.16
CA GLU B 134 -16.29 3.13 -7.28
C GLU B 134 -16.50 2.06 -8.33
N VAL B 135 -15.55 1.29 -8.48
CA VAL B 135 -15.65 0.16 -9.39
C VAL B 135 -16.66 -0.84 -8.83
N TYR B 136 -16.62 -1.05 -7.51
CA TYR B 136 -17.53 -1.95 -6.85
C TYR B 136 -18.98 -1.56 -7.12
N TRP B 137 -19.30 -0.29 -6.89
CA TRP B 137 -20.66 0.17 -7.08
C TRP B 137 -21.13 0.24 -8.53
N THR B 138 -20.21 0.48 -9.47
CA THR B 138 -20.59 0.52 -10.88
C THR B 138 -20.94 -0.92 -11.28
N LEU B 139 -20.12 -1.87 -10.82
CA LEU B 139 -20.35 -3.29 -11.11
C LEU B 139 -21.62 -3.81 -10.43
N GLU B 140 -21.87 -3.34 -9.20
CA GLU B 140 -23.05 -3.76 -8.47
C GLU B 140 -24.31 -3.32 -9.23
N ALA B 141 -24.26 -2.12 -9.79
CA ALA B 141 -25.40 -1.60 -10.54
C ALA B 141 -25.67 -2.46 -11.78
N ALA B 142 -24.59 -2.83 -12.47
CA ALA B 142 -24.72 -3.64 -13.68
C ALA B 142 -25.16 -5.07 -13.40
N LEU B 143 -24.70 -5.62 -12.29
CA LEU B 143 -25.08 -6.99 -11.96
C LEU B 143 -26.49 -7.10 -11.40
N GLN B 144 -26.99 -6.03 -10.79
CA GLN B 144 -28.37 -6.03 -10.29
C GLN B 144 -29.27 -6.04 -11.54
N ALA B 145 -28.88 -5.25 -12.54
CA ALA B 145 -29.66 -5.19 -13.78
C ALA B 145 -29.61 -6.53 -14.50
N PHE B 146 -28.43 -7.15 -14.50
CA PHE B 146 -28.26 -8.45 -15.15
C PHE B 146 -29.27 -9.45 -14.56
N LEU B 147 -29.29 -9.55 -13.23
CA LEU B 147 -30.19 -10.48 -12.59
C LEU B 147 -31.67 -10.11 -12.76
N ASP B 148 -31.98 -8.82 -12.85
CA ASP B 148 -33.37 -8.40 -13.06
C ASP B 148 -33.81 -8.98 -14.40
N ARG B 149 -32.92 -8.90 -15.38
CA ARG B 149 -33.23 -9.37 -16.73
C ARG B 149 -33.09 -10.89 -16.92
N HIS B 150 -32.02 -11.47 -16.38
CA HIS B 150 -31.75 -12.90 -16.52
C HIS B 150 -32.26 -13.77 -15.37
N GLY B 151 -32.46 -13.16 -14.22
CA GLY B 151 -32.94 -13.88 -13.07
C GLY B 151 -34.46 -13.99 -13.04
N PRO C 4 9.11 8.30 -14.12
CA PRO C 4 8.97 7.12 -15.02
C PRO C 4 10.15 6.99 -15.97
N VAL C 5 10.66 5.76 -16.09
CA VAL C 5 11.80 5.47 -16.97
C VAL C 5 11.31 5.47 -18.41
N ARG C 6 11.96 6.27 -19.26
CA ARG C 6 11.57 6.36 -20.66
C ARG C 6 12.52 5.53 -21.54
N VAL C 7 11.91 4.66 -22.35
CA VAL C 7 12.65 3.77 -23.22
C VAL C 7 12.36 4.01 -24.70
N LEU C 8 13.41 4.11 -25.50
CA LEU C 8 13.26 4.34 -26.94
C LEU C 8 13.98 3.25 -27.72
N PHE C 9 13.24 2.51 -28.55
CA PHE C 9 13.83 1.45 -29.36
C PHE C 9 14.16 2.06 -30.72
N VAL C 10 15.35 1.74 -31.22
CA VAL C 10 15.80 2.32 -32.49
C VAL C 10 16.42 1.33 -33.46
N CYS C 11 16.06 1.48 -34.73
CA CYS C 11 16.63 0.68 -35.80
C CYS C 11 16.83 1.66 -36.96
N LEU C 12 17.02 1.17 -38.18
CA LEU C 12 17.22 2.09 -39.29
C LEU C 12 15.94 2.73 -39.83
N GLY C 13 15.02 1.91 -40.35
CA GLY C 13 13.81 2.46 -40.92
C GLY C 13 12.59 2.65 -40.01
N ASN C 14 12.63 2.02 -38.84
CA ASN C 14 11.53 2.11 -37.87
C ASN C 14 10.23 1.48 -38.37
N ILE C 15 10.33 0.43 -39.17
CA ILE C 15 9.12 -0.25 -39.65
C ILE C 15 9.14 -1.74 -39.32
N CYS C 16 10.28 -2.24 -38.84
CA CYS C 16 10.38 -3.67 -38.52
C CYS C 16 10.75 -3.98 -37.07
N ARG C 17 12.04 -4.06 -36.80
CA ARG C 17 12.52 -4.39 -35.46
C ARG C 17 12.12 -3.46 -34.31
N SER C 18 12.41 -2.18 -34.43
CA SER C 18 12.08 -1.26 -33.34
C SER C 18 10.59 -1.15 -33.00
N PRO C 19 9.72 -1.09 -34.02
CA PRO C 19 8.29 -0.99 -33.68
C PRO C 19 7.79 -2.28 -33.04
N MET C 20 8.40 -3.40 -33.42
CA MET C 20 8.04 -4.69 -32.85
C MET C 20 8.44 -4.71 -31.39
N ALA C 21 9.60 -4.13 -31.10
CA ALA C 21 10.08 -4.06 -29.72
C ALA C 21 9.13 -3.23 -28.89
N GLU C 22 8.71 -2.08 -29.42
CA GLU C 22 7.79 -1.23 -28.69
C GLU C 22 6.50 -1.99 -28.40
N GLY C 23 5.98 -2.68 -29.41
CA GLY C 23 4.75 -3.44 -29.23
C GLY C 23 4.83 -4.44 -28.10
N ILE C 24 5.89 -5.23 -28.09
CA ILE C 24 6.11 -6.23 -27.04
C ILE C 24 6.21 -5.54 -25.68
N PHE C 25 6.96 -4.44 -25.66
CA PHE C 25 7.14 -3.68 -24.43
C PHE C 25 5.81 -3.17 -23.86
N ARG C 26 4.99 -2.56 -24.71
CA ARG C 26 3.70 -2.04 -24.29
C ARG C 26 2.83 -3.14 -23.70
N LYS C 27 2.83 -4.29 -24.35
CA LYS C 27 2.07 -5.44 -23.89
C LYS C 27 2.56 -5.87 -22.52
N LEU C 28 3.88 -5.97 -22.38
CA LEU C 28 4.48 -6.39 -21.11
C LEU C 28 4.21 -5.44 -19.96
N LEU C 29 4.29 -4.14 -20.23
CA LEU C 29 4.04 -3.16 -19.19
C LEU C 29 2.61 -3.33 -18.65
N LYS C 30 1.68 -3.56 -19.56
CA LYS C 30 0.28 -3.75 -19.19
C LYS C 30 0.11 -5.01 -18.32
N GLU C 31 0.59 -6.14 -18.80
CA GLU C 31 0.47 -7.38 -18.04
C GLU C 31 1.19 -7.37 -16.70
N ARG C 32 2.34 -6.72 -16.63
CA ARG C 32 3.10 -6.67 -15.39
C ARG C 32 2.66 -5.57 -14.46
N GLY C 33 1.73 -4.73 -14.90
CA GLY C 33 1.27 -3.63 -14.07
C GLY C 33 2.36 -2.61 -13.82
N LEU C 34 3.04 -2.19 -14.90
CA LEU C 34 4.13 -1.22 -14.80
C LEU C 34 3.90 0.00 -15.69
N GLU C 35 2.67 0.16 -16.18
CA GLU C 35 2.35 1.29 -17.05
C GLU C 35 2.66 2.65 -16.44
N ASP C 36 2.63 2.73 -15.12
CA ASP C 36 2.88 3.99 -14.42
C ASP C 36 4.36 4.23 -14.20
N ARG C 37 5.18 3.22 -14.46
CA ARG C 37 6.61 3.32 -14.23
C ARG C 37 7.47 3.42 -15.48
N PHE C 38 6.85 3.32 -16.65
CA PHE C 38 7.59 3.39 -17.91
C PHE C 38 6.83 4.03 -19.05
N GLU C 39 7.58 4.65 -19.95
CA GLU C 39 7.03 5.27 -21.15
C GLU C 39 7.89 4.70 -22.28
N VAL C 40 7.28 4.44 -23.43
CA VAL C 40 8.05 3.87 -24.53
C VAL C 40 7.66 4.44 -25.89
N ASP C 41 8.57 4.29 -26.85
CA ASP C 41 8.36 4.72 -28.22
C ASP C 41 9.49 4.11 -29.04
N SER C 42 9.46 4.33 -30.34
CA SER C 42 10.50 3.83 -31.23
C SER C 42 10.70 4.85 -32.34
N ALA C 43 11.91 4.89 -32.88
CA ALA C 43 12.28 5.81 -33.95
C ALA C 43 13.37 5.19 -34.80
N GLY C 44 13.59 5.74 -35.98
CA GLY C 44 14.63 5.22 -36.86
C GLY C 44 15.68 6.27 -37.12
N THR C 45 16.92 5.84 -37.38
CA THR C 45 18.00 6.77 -37.66
C THR C 45 17.80 7.40 -39.05
N GLY C 46 17.15 6.66 -39.94
CA GLY C 46 16.90 7.15 -41.29
C GLY C 46 15.51 7.76 -41.45
N ALA C 47 15.26 8.38 -42.60
CA ALA C 47 13.96 9.02 -42.82
C ALA C 47 13.16 8.45 -43.99
N TRP C 48 13.65 7.38 -44.60
CA TRP C 48 12.97 6.80 -45.75
C TRP C 48 11.53 6.39 -45.52
N HIS C 49 11.24 5.82 -44.35
CA HIS C 49 9.90 5.34 -44.05
C HIS C 49 9.02 6.23 -43.16
N VAL C 50 9.44 7.47 -42.94
CA VAL C 50 8.70 8.41 -42.09
C VAL C 50 7.21 8.52 -42.45
N GLY C 51 6.35 8.38 -41.46
CA GLY C 51 4.92 8.49 -41.69
C GLY C 51 4.24 7.19 -42.09
N GLU C 52 5.04 6.14 -42.31
CA GLU C 52 4.50 4.85 -42.70
C GLU C 52 4.17 3.96 -41.51
N PRO C 53 3.22 3.04 -41.69
CA PRO C 53 2.86 2.12 -40.60
C PRO C 53 3.96 1.07 -40.58
N MET C 54 3.93 0.14 -39.63
CA MET C 54 4.97 -0.88 -39.59
C MET C 54 4.82 -1.84 -40.77
N ASP C 55 5.87 -2.59 -41.05
CA ASP C 55 5.85 -3.56 -42.14
C ASP C 55 4.70 -4.54 -41.91
N PRO C 56 3.98 -4.91 -42.98
CA PRO C 56 2.86 -5.86 -42.90
C PRO C 56 3.22 -7.14 -42.17
N ARG C 57 4.46 -7.58 -42.35
CA ARG C 57 4.93 -8.80 -41.70
C ARG C 57 5.08 -8.59 -40.21
N ALA C 58 5.52 -7.39 -39.82
CA ALA C 58 5.68 -7.06 -38.42
C ALA C 58 4.29 -6.97 -37.78
N ARG C 59 3.37 -6.30 -38.46
CA ARG C 59 2.01 -6.16 -37.95
C ARG C 59 1.39 -7.54 -37.75
N ARG C 60 1.61 -8.43 -38.72
CA ARG C 60 1.09 -9.79 -38.66
C ARG C 60 1.61 -10.54 -37.44
N VAL C 61 2.93 -10.54 -37.25
CA VAL C 61 3.53 -11.25 -36.13
C VAL C 61 3.10 -10.69 -34.76
N LEU C 62 2.94 -9.37 -34.67
CA LEU C 62 2.51 -8.77 -33.42
C LEU C 62 1.09 -9.20 -33.09
N GLU C 63 0.23 -9.20 -34.10
CA GLU C 63 -1.16 -9.59 -33.89
C GLU C 63 -1.28 -11.04 -33.45
N GLU C 64 -0.42 -11.91 -34.00
CA GLU C 64 -0.45 -13.31 -33.62
C GLU C 64 -0.19 -13.44 -32.13
N GLU C 65 0.37 -12.39 -31.53
CA GLU C 65 0.68 -12.40 -30.11
C GLU C 65 -0.09 -11.33 -29.35
N GLY C 66 -0.99 -10.63 -30.04
CA GLY C 66 -1.76 -9.59 -29.39
C GLY C 66 -0.88 -8.48 -28.84
N ALA C 67 0.09 -8.05 -29.63
CA ALA C 67 1.01 -7.00 -29.20
C ALA C 67 1.03 -5.86 -30.19
N TYR C 68 0.04 -5.83 -31.08
CA TYR C 68 -0.03 -4.77 -32.08
C TYR C 68 -0.49 -3.46 -31.46
N PHE C 69 -0.09 -2.36 -32.07
CA PHE C 69 -0.46 -1.02 -31.64
C PHE C 69 -0.31 -0.15 -32.88
N PRO C 70 -1.08 0.95 -32.98
CA PRO C 70 -1.07 1.89 -34.10
C PRO C 70 0.23 2.67 -34.33
N HIS C 71 1.29 1.97 -34.71
CA HIS C 71 2.58 2.59 -34.95
C HIS C 71 2.68 3.46 -36.18
N VAL C 72 3.49 4.50 -36.09
CA VAL C 72 3.76 5.41 -37.19
C VAL C 72 5.26 5.67 -37.20
N ALA C 73 5.93 5.28 -38.27
CA ALA C 73 7.38 5.45 -38.38
C ALA C 73 7.81 6.92 -38.29
N ARG C 74 8.89 7.17 -37.56
CA ARG C 74 9.42 8.52 -37.41
C ARG C 74 10.93 8.50 -37.22
N ARG C 75 11.58 9.64 -37.46
CA ARG C 75 13.02 9.70 -37.34
C ARG C 75 13.50 10.21 -35.99
N LEU C 76 14.59 9.61 -35.51
CA LEU C 76 15.20 9.98 -34.25
C LEU C 76 15.65 11.44 -34.33
N THR C 77 15.40 12.21 -33.27
CA THR C 77 15.80 13.62 -33.23
C THR C 77 16.69 13.89 -32.03
N ARG C 78 17.37 15.03 -32.02
CA ARG C 78 18.25 15.35 -30.90
C ARG C 78 17.43 15.44 -29.60
N GLU C 79 16.19 15.90 -29.72
CA GLU C 79 15.34 16.01 -28.55
C GLU C 79 15.07 14.63 -27.95
N ASP C 80 14.93 13.62 -28.80
CA ASP C 80 14.70 12.26 -28.34
C ASP C 80 15.85 11.78 -27.47
N VAL C 81 17.07 12.03 -27.93
CA VAL C 81 18.28 11.61 -27.22
C VAL C 81 18.33 12.21 -25.81
N LEU C 82 17.82 13.42 -25.64
CA LEU C 82 17.84 14.05 -24.34
C LEU C 82 16.66 13.59 -23.48
N ALA C 83 15.50 13.47 -24.10
CA ALA C 83 14.27 13.07 -23.39
C ALA C 83 14.19 11.62 -22.89
N TYR C 84 14.83 10.68 -23.59
CA TYR C 84 14.76 9.29 -23.16
C TYR C 84 15.92 8.84 -22.28
N ASP C 85 15.63 7.90 -21.38
CA ASP C 85 16.62 7.37 -20.45
C ASP C 85 17.41 6.22 -21.05
N HIS C 86 16.73 5.37 -21.81
CA HIS C 86 17.39 4.23 -22.44
C HIS C 86 17.10 4.25 -23.93
N ILE C 87 18.16 4.24 -24.73
CA ILE C 87 18.02 4.23 -26.18
C ILE C 87 18.57 2.88 -26.59
N LEU C 88 17.66 1.95 -26.89
CA LEU C 88 18.04 0.59 -27.25
C LEU C 88 17.99 0.34 -28.74
N VAL C 89 19.17 0.13 -29.31
CA VAL C 89 19.30 -0.11 -30.74
C VAL C 89 19.33 -1.60 -31.02
N MET C 90 18.98 -1.98 -32.25
CA MET C 90 18.94 -3.40 -32.62
C MET C 90 20.31 -4.02 -32.91
N ASP C 91 21.14 -3.32 -33.69
CA ASP C 91 22.47 -3.83 -34.03
C ASP C 91 23.56 -2.78 -33.89
N ARG C 92 24.81 -3.20 -34.08
CA ARG C 92 25.95 -2.30 -33.96
C ARG C 92 25.99 -1.20 -35.00
N GLU C 93 25.38 -1.44 -36.16
CA GLU C 93 25.34 -0.42 -37.19
C GLU C 93 24.45 0.73 -36.68
N ASN C 94 23.34 0.37 -36.03
CA ASN C 94 22.40 1.35 -35.48
C ASN C 94 23.12 2.17 -34.40
N LEU C 95 23.90 1.48 -33.57
CA LEU C 95 24.64 2.09 -32.47
C LEU C 95 25.60 3.16 -33.00
N GLU C 96 26.35 2.81 -34.03
CA GLU C 96 27.30 3.74 -34.63
C GLU C 96 26.58 4.93 -35.28
N GLU C 97 25.49 4.66 -35.97
CA GLU C 97 24.75 5.73 -36.63
C GLU C 97 24.19 6.70 -35.59
N VAL C 98 23.67 6.18 -34.48
CA VAL C 98 23.13 7.03 -33.44
C VAL C 98 24.24 7.90 -32.84
N LEU C 99 25.38 7.29 -32.57
CA LEU C 99 26.51 8.03 -31.98
C LEU C 99 27.12 9.00 -32.99
N ARG C 100 26.99 8.68 -34.26
CA ARG C 100 27.50 9.52 -35.34
C ARG C 100 26.71 10.83 -35.37
N ARG C 101 25.39 10.72 -35.48
CA ARG C 101 24.53 11.89 -35.52
C ARG C 101 24.41 12.62 -34.18
N PHE C 102 24.33 11.86 -33.09
CA PHE C 102 24.18 12.45 -31.76
C PHE C 102 25.20 11.89 -30.77
N PRO C 103 26.47 12.30 -30.87
CA PRO C 103 27.51 11.79 -29.96
C PRO C 103 27.13 11.97 -28.50
N GLU C 104 26.17 12.86 -28.26
CA GLU C 104 25.66 13.17 -26.94
C GLU C 104 24.91 11.98 -26.32
N ALA C 105 24.52 11.02 -27.15
CA ALA C 105 23.80 9.84 -26.69
C ALA C 105 24.69 8.80 -26.01
N ARG C 106 26.00 9.02 -26.08
CA ARG C 106 27.03 8.12 -25.53
C ARG C 106 26.61 7.35 -24.24
N GLY C 107 26.18 8.03 -23.20
CA GLY C 107 25.82 7.32 -21.98
C GLY C 107 24.41 6.75 -21.90
N LYS C 108 23.70 6.69 -23.03
CA LYS C 108 22.33 6.17 -23.02
C LYS C 108 22.04 5.06 -24.02
N VAL C 109 22.75 5.08 -25.13
CA VAL C 109 22.54 4.08 -26.18
C VAL C 109 23.30 2.78 -25.97
N ARG C 110 22.65 1.67 -26.30
CA ARG C 110 23.27 0.36 -26.17
C ARG C 110 22.39 -0.68 -26.84
N LEU C 111 22.99 -1.81 -27.20
CA LEU C 111 22.28 -2.90 -27.85
C LEU C 111 21.18 -3.42 -26.94
N VAL C 112 20.00 -3.67 -27.51
CA VAL C 112 18.87 -4.16 -26.74
C VAL C 112 19.16 -5.54 -26.15
N LEU C 113 20.01 -6.31 -26.81
CA LEU C 113 20.35 -7.64 -26.34
C LEU C 113 21.37 -7.64 -25.19
N GLU C 114 21.86 -6.46 -24.83
CA GLU C 114 22.82 -6.34 -23.75
C GLU C 114 22.23 -6.85 -22.44
N GLU C 115 20.92 -6.92 -22.38
CA GLU C 115 20.23 -7.39 -21.18
C GLU C 115 20.35 -8.91 -21.14
N LEU C 116 21.03 -9.47 -22.15
CA LEU C 116 21.23 -10.91 -22.26
C LEU C 116 22.68 -11.23 -22.63
N GLY C 117 23.60 -10.40 -22.16
CA GLY C 117 25.02 -10.62 -22.44
C GLY C 117 25.53 -9.84 -23.64
N GLY C 118 24.72 -9.77 -24.70
CA GLY C 118 25.13 -9.05 -25.89
C GLY C 118 24.60 -9.64 -27.17
N GLY C 119 25.01 -9.09 -28.30
CA GLY C 119 24.55 -9.58 -29.59
C GLY C 119 23.74 -8.56 -30.36
N GLU C 120 23.40 -8.90 -31.60
CA GLU C 120 22.62 -8.02 -32.45
C GLU C 120 21.33 -8.66 -32.92
N VAL C 121 20.26 -7.86 -32.99
CA VAL C 121 18.99 -8.29 -33.52
C VAL C 121 18.92 -7.92 -34.99
N GLN C 122 19.22 -8.89 -35.86
CA GLN C 122 19.45 -8.47 -37.23
C GLN C 122 18.19 -8.48 -38.09
N ASP C 123 18.38 -7.65 -39.15
CA ASP C 123 17.23 -7.28 -39.95
C ASP C 123 16.60 -8.51 -40.59
N PRO C 124 15.29 -8.69 -40.35
CA PRO C 124 14.44 -9.63 -41.11
C PRO C 124 13.82 -9.07 -42.38
N TYR C 125 14.09 -7.81 -42.69
CA TYR C 125 13.51 -7.16 -43.85
C TYR C 125 13.56 -7.94 -45.17
N TYR C 126 14.65 -8.68 -45.39
CA TYR C 126 14.79 -9.43 -46.63
C TYR C 126 14.42 -10.90 -46.47
N GLY C 127 13.72 -11.21 -45.39
CA GLY C 127 13.31 -12.58 -45.13
C GLY C 127 11.81 -12.80 -45.19
N ASP C 128 11.32 -13.80 -44.45
CA ASP C 128 9.90 -14.11 -44.43
C ASP C 128 9.32 -14.00 -43.02
N LEU C 129 8.03 -14.31 -42.89
CA LEU C 129 7.35 -14.25 -41.60
C LEU C 129 8.08 -15.01 -40.51
N GLU C 130 8.60 -16.18 -40.84
CA GLU C 130 9.31 -16.96 -39.84
C GLU C 130 10.49 -16.17 -39.28
N ASP C 131 11.09 -15.34 -40.13
CA ASP C 131 12.22 -14.51 -39.70
C ASP C 131 11.69 -13.48 -38.71
N PHE C 132 10.56 -12.89 -39.05
CA PHE C 132 9.92 -11.89 -38.18
C PHE C 132 9.50 -12.52 -36.87
N ARG C 133 9.09 -13.79 -36.93
CA ARG C 133 8.68 -14.50 -35.72
C ARG C 133 9.90 -14.75 -34.83
N GLU C 134 11.02 -15.10 -35.45
CA GLU C 134 12.25 -15.34 -34.69
C GLU C 134 12.67 -14.06 -33.98
N VAL C 135 12.52 -12.94 -34.69
CA VAL C 135 12.88 -11.64 -34.14
C VAL C 135 12.01 -11.35 -32.92
N TYR C 136 10.71 -11.52 -33.10
CA TYR C 136 9.75 -11.29 -32.03
C TYR C 136 10.17 -11.98 -30.73
N TRP C 137 10.45 -13.27 -30.82
CA TRP C 137 10.84 -14.04 -29.65
C TRP C 137 12.20 -13.68 -29.09
N THR C 138 13.08 -13.16 -29.95
CA THR C 138 14.40 -12.74 -29.48
C THR C 138 14.19 -11.47 -28.67
N LEU C 139 13.36 -10.58 -29.19
CA LEU C 139 13.06 -9.32 -28.50
C LEU C 139 12.25 -9.60 -27.23
N GLU C 140 11.33 -10.57 -27.32
CA GLU C 140 10.49 -10.94 -26.18
C GLU C 140 11.36 -11.33 -25.00
N ALA C 141 12.32 -12.22 -25.24
CA ALA C 141 13.23 -12.69 -24.20
C ALA C 141 14.04 -11.55 -23.61
N ALA C 142 14.59 -10.70 -24.47
CA ALA C 142 15.39 -9.57 -24.02
C ALA C 142 14.58 -8.57 -23.20
N LEU C 143 13.38 -8.25 -23.68
CA LEU C 143 12.53 -7.30 -22.96
C LEU C 143 12.06 -7.86 -21.62
N GLN C 144 11.80 -9.16 -21.57
CA GLN C 144 11.37 -9.79 -20.32
C GLN C 144 12.51 -9.60 -19.32
N ALA C 145 13.74 -9.79 -19.81
CA ALA C 145 14.92 -9.64 -18.97
C ALA C 145 15.08 -8.20 -18.54
N PHE C 146 14.85 -7.25 -19.45
CA PHE C 146 14.97 -5.83 -19.14
C PHE C 146 14.04 -5.49 -17.99
N LEU C 147 12.79 -5.93 -18.08
CA LEU C 147 11.82 -5.64 -17.04
C LEU C 147 12.16 -6.32 -15.71
N ASP C 148 12.72 -7.52 -15.76
CA ASP C 148 13.10 -8.22 -14.53
C ASP C 148 14.17 -7.41 -13.80
N ARG C 149 15.17 -6.95 -14.56
CA ARG C 149 16.28 -6.18 -14.00
C ARG C 149 15.90 -4.75 -13.62
N HIS C 150 15.06 -4.13 -14.43
CA HIS C 150 14.64 -2.74 -14.18
C HIS C 150 13.24 -2.67 -13.57
N GLY C 151 12.77 -3.85 -13.11
CA GLY C 151 11.44 -3.89 -12.50
C GLY C 151 11.53 -4.13 -10.99
N ASP D 2 -9.04 -7.66 8.06
CA ASP D 2 -10.51 -7.90 8.24
C ASP D 2 -11.02 -7.28 9.53
N ARG D 3 -10.81 -7.96 10.65
CA ARG D 3 -11.26 -7.50 11.96
C ARG D 3 -10.11 -7.44 12.97
N PRO D 4 -10.16 -6.49 13.91
CA PRO D 4 -9.11 -6.34 14.92
C PRO D 4 -9.20 -7.41 16.00
N VAL D 5 -8.03 -7.86 16.48
CA VAL D 5 -8.02 -8.86 17.54
C VAL D 5 -8.30 -8.10 18.84
N ARG D 6 -9.29 -8.56 19.60
CA ARG D 6 -9.67 -7.89 20.84
C ARG D 6 -9.11 -8.58 22.08
N VAL D 7 -8.38 -7.80 22.88
CA VAL D 7 -7.74 -8.29 24.08
C VAL D 7 -8.31 -7.67 25.36
N LEU D 8 -8.65 -8.53 26.32
CA LEU D 8 -9.20 -8.06 27.59
C LEU D 8 -8.33 -8.55 28.74
N PHE D 9 -7.84 -7.62 29.54
CA PHE D 9 -7.02 -7.96 30.70
C PHE D 9 -7.94 -7.99 31.90
N VAL D 10 -7.78 -8.99 32.74
CA VAL D 10 -8.65 -9.14 33.90
C VAL D 10 -7.92 -9.47 35.20
N CYS D 11 -8.40 -8.86 36.27
CA CYS D 11 -7.89 -9.11 37.61
C CYS D 11 -9.13 -9.04 38.50
N LEU D 12 -8.96 -8.98 39.82
CA LEU D 12 -10.13 -8.95 40.69
C LEU D 12 -10.83 -7.60 40.75
N GLY D 13 -10.11 -6.57 41.19
CA GLY D 13 -10.70 -5.25 41.31
C GLY D 13 -10.62 -4.31 40.10
N ASN D 14 -9.73 -4.61 39.17
CA ASN D 14 -9.55 -3.78 37.97
C ASN D 14 -9.10 -2.35 38.30
N ILE D 15 -8.23 -2.21 39.30
CA ILE D 15 -7.71 -0.90 39.65
C ILE D 15 -6.19 -0.91 39.73
N CYS D 16 -5.60 -2.11 39.70
CA CYS D 16 -4.14 -2.25 39.78
C CYS D 16 -3.50 -2.90 38.55
N ARG D 17 -3.39 -4.23 38.59
CA ARG D 17 -2.75 -4.98 37.51
C ARG D 17 -3.38 -4.89 36.12
N SER D 18 -4.67 -5.21 36.00
CA SER D 18 -5.29 -5.17 34.67
C SER D 18 -5.28 -3.80 33.98
N PRO D 19 -5.49 -2.71 34.74
CA PRO D 19 -5.47 -1.42 34.05
C PRO D 19 -4.04 -1.05 33.61
N MET D 20 -3.06 -1.51 34.39
CA MET D 20 -1.67 -1.24 34.05
C MET D 20 -1.32 -2.03 32.80
N ALA D 21 -1.89 -3.23 32.69
CA ALA D 21 -1.66 -4.09 31.53
C ALA D 21 -2.23 -3.38 30.31
N GLU D 22 -3.45 -2.87 30.44
CA GLU D 22 -4.09 -2.17 29.34
C GLU D 22 -3.30 -0.94 28.92
N GLY D 23 -2.82 -0.16 29.90
CA GLY D 23 -2.06 1.03 29.59
C GLY D 23 -0.81 0.73 28.79
N ILE D 24 -0.05 -0.26 29.25
CA ILE D 24 1.17 -0.67 28.56
C ILE D 24 0.85 -1.13 27.15
N PHE D 25 -0.20 -1.95 27.04
CA PHE D 25 -0.61 -2.48 25.74
C PHE D 25 -0.93 -1.35 24.77
N ARG D 26 -1.68 -0.35 25.25
CA ARG D 26 -2.04 0.79 24.42
C ARG D 26 -0.79 1.53 23.95
N LYS D 27 0.20 1.61 24.83
CA LYS D 27 1.44 2.29 24.49
C LYS D 27 2.18 1.52 23.41
N LEU D 28 2.28 0.21 23.60
CA LEU D 28 2.98 -0.64 22.64
C LEU D 28 2.29 -0.65 21.27
N LEU D 29 0.97 -0.62 21.26
CA LEU D 29 0.24 -0.62 19.99
C LEU D 29 0.55 0.65 19.19
N LYS D 30 0.69 1.76 19.91
CA LYS D 30 0.99 3.02 19.25
C LYS D 30 2.38 3.04 18.63
N GLU D 31 3.38 2.68 19.43
CA GLU D 31 4.76 2.69 18.96
C GLU D 31 5.01 1.66 17.85
N ARG D 32 4.33 0.52 17.92
CA ARG D 32 4.53 -0.51 16.90
C ARG D 32 3.64 -0.28 15.68
N GLY D 33 2.76 0.71 15.77
CA GLY D 33 1.87 0.98 14.66
C GLY D 33 0.90 -0.16 14.40
N LEU D 34 0.33 -0.70 15.47
CA LEU D 34 -0.61 -1.82 15.36
C LEU D 34 -2.00 -1.46 15.90
N GLU D 35 -2.30 -0.16 15.98
CA GLU D 35 -3.59 0.28 16.51
C GLU D 35 -4.78 -0.16 15.66
N ASP D 36 -4.52 -0.50 14.40
CA ASP D 36 -5.59 -0.94 13.51
C ASP D 36 -5.78 -2.46 13.57
N ARG D 37 -4.87 -3.15 14.26
CA ARG D 37 -4.96 -4.62 14.34
C ARG D 37 -5.42 -5.16 15.69
N PHE D 38 -5.46 -4.32 16.72
CA PHE D 38 -5.89 -4.77 18.04
C PHE D 38 -6.76 -3.73 18.76
N GLU D 39 -7.64 -4.22 19.64
CA GLU D 39 -8.50 -3.37 20.46
C GLU D 39 -8.28 -3.91 21.86
N VAL D 40 -8.31 -3.05 22.87
CA VAL D 40 -8.07 -3.52 24.23
C VAL D 40 -8.93 -2.82 25.27
N ASP D 41 -9.05 -3.48 26.41
CA ASP D 41 -9.80 -2.98 27.55
C ASP D 41 -9.42 -3.86 28.75
N SER D 42 -9.93 -3.50 29.92
CA SER D 42 -9.67 -4.28 31.13
C SER D 42 -10.94 -4.30 31.98
N ALA D 43 -11.09 -5.36 32.78
CA ALA D 43 -12.26 -5.51 33.63
C ALA D 43 -11.89 -6.38 34.83
N GLY D 44 -12.71 -6.31 35.87
CA GLY D 44 -12.43 -7.11 37.05
C GLY D 44 -13.53 -8.13 37.30
N THR D 45 -13.20 -9.24 37.95
CA THR D 45 -14.23 -10.24 38.23
C THR D 45 -15.16 -9.73 39.33
N GLY D 46 -14.64 -8.87 40.21
CA GLY D 46 -15.42 -8.32 41.31
C GLY D 46 -16.04 -6.97 41.03
N ALA D 47 -16.96 -6.54 41.89
CA ALA D 47 -17.66 -5.26 41.69
C ALA D 47 -17.35 -4.18 42.72
N TRP D 48 -16.44 -4.47 43.63
CA TRP D 48 -16.11 -3.53 44.70
C TRP D 48 -15.61 -2.15 44.25
N HIS D 49 -14.81 -2.11 43.20
CA HIS D 49 -14.24 -0.85 42.73
C HIS D 49 -14.84 -0.24 41.46
N VAL D 50 -16.00 -0.74 41.03
CA VAL D 50 -16.64 -0.23 39.82
C VAL D 50 -16.81 1.29 39.84
N GLY D 51 -16.44 1.93 38.73
CA GLY D 51 -16.57 3.38 38.63
C GLY D 51 -15.40 4.18 39.15
N GLU D 52 -14.46 3.51 39.80
CA GLU D 52 -13.28 4.16 40.36
C GLU D 52 -12.15 4.29 39.34
N PRO D 53 -11.21 5.22 39.60
CA PRO D 53 -10.07 5.40 38.69
C PRO D 53 -9.09 4.33 39.16
N MET D 54 -8.00 4.11 38.44
CA MET D 54 -7.05 3.11 38.88
C MET D 54 -6.39 3.58 40.18
N ASP D 55 -5.69 2.67 40.84
CA ASP D 55 -5.00 2.99 42.09
C ASP D 55 -3.95 4.07 41.85
N PRO D 56 -3.76 4.98 42.81
CA PRO D 56 -2.78 6.09 42.72
C PRO D 56 -1.36 5.62 42.40
N ARG D 57 -0.99 4.46 42.94
CA ARG D 57 0.34 3.92 42.68
C ARG D 57 0.40 3.42 41.24
N ALA D 58 -0.74 2.96 40.73
CA ALA D 58 -0.81 2.46 39.36
C ALA D 58 -0.71 3.64 38.41
N ARG D 59 -1.47 4.70 38.70
CA ARG D 59 -1.44 5.89 37.88
C ARG D 59 -0.04 6.51 37.87
N ARG D 60 0.57 6.62 39.04
CA ARG D 60 1.90 7.19 39.14
C ARG D 60 2.93 6.43 38.30
N VAL D 61 2.90 5.10 38.37
CA VAL D 61 3.86 4.30 37.61
C VAL D 61 3.61 4.40 36.11
N LEU D 62 2.36 4.38 35.69
CA LEU D 62 2.06 4.49 34.27
C LEU D 62 2.53 5.85 33.76
N GLU D 63 2.32 6.89 34.56
CA GLU D 63 2.74 8.24 34.17
C GLU D 63 4.26 8.32 34.04
N GLU D 64 4.99 7.67 34.93
CA GLU D 64 6.44 7.68 34.87
C GLU D 64 6.92 7.11 33.54
N GLU D 65 6.16 6.17 32.99
CA GLU D 65 6.51 5.53 31.73
C GLU D 65 5.70 6.06 30.56
N GLY D 66 4.82 7.02 30.83
CA GLY D 66 4.00 7.59 29.77
C GLY D 66 3.03 6.59 29.18
N ALA D 67 2.40 5.78 30.04
CA ALA D 67 1.46 4.78 29.59
C ALA D 67 0.11 4.97 30.27
N TYR D 68 -0.12 6.18 30.79
CA TYR D 68 -1.37 6.47 31.47
C TYR D 68 -2.50 6.68 30.46
N PHE D 69 -3.72 6.44 30.92
CA PHE D 69 -4.92 6.60 30.12
C PHE D 69 -6.04 6.69 31.12
N PRO D 70 -7.12 7.43 30.79
CA PRO D 70 -8.29 7.62 31.65
C PRO D 70 -9.08 6.35 31.95
N HIS D 71 -8.49 5.43 32.71
CA HIS D 71 -9.15 4.18 33.06
C HIS D 71 -10.30 4.37 34.05
N VAL D 72 -11.32 3.54 33.88
CA VAL D 72 -12.48 3.55 34.78
C VAL D 72 -12.78 2.07 35.04
N ALA D 73 -12.68 1.67 36.30
CA ALA D 73 -12.91 0.29 36.67
C ALA D 73 -14.32 -0.19 36.34
N ARG D 74 -14.41 -1.43 35.85
CA ARG D 74 -15.71 -2.02 35.52
C ARG D 74 -15.63 -3.52 35.76
N ARG D 75 -16.80 -4.15 35.86
CA ARG D 75 -16.86 -5.59 36.11
C ARG D 75 -17.08 -6.39 34.82
N LEU D 76 -16.42 -7.53 34.75
CA LEU D 76 -16.52 -8.45 33.61
C LEU D 76 -17.97 -8.92 33.43
N THR D 77 -18.45 -8.96 32.19
CA THR D 77 -19.83 -9.41 31.90
C THR D 77 -19.79 -10.57 30.91
N ARG D 78 -20.88 -11.31 30.82
CA ARG D 78 -20.93 -12.43 29.89
C ARG D 78 -20.76 -11.91 28.47
N GLU D 79 -21.23 -10.69 28.24
CA GLU D 79 -21.08 -10.00 26.98
C GLU D 79 -19.61 -9.81 26.64
N ASP D 80 -18.74 -9.52 27.57
CA ASP D 80 -17.30 -9.35 27.35
C ASP D 80 -16.68 -10.66 26.91
N VAL D 81 -17.07 -11.76 27.56
CA VAL D 81 -16.53 -13.08 27.25
C VAL D 81 -16.76 -13.46 25.79
N LEU D 82 -17.91 -13.06 25.26
CA LEU D 82 -18.22 -13.38 23.87
C LEU D 82 -17.54 -12.41 22.91
N ALA D 83 -17.52 -11.14 23.26
CA ALA D 83 -16.94 -10.08 22.44
C ALA D 83 -15.42 -10.05 22.29
N TYR D 84 -14.68 -10.55 23.27
CA TYR D 84 -13.22 -10.55 23.20
C TYR D 84 -12.60 -11.85 22.74
N ASP D 85 -11.46 -11.75 22.07
CA ASP D 85 -10.76 -12.89 21.48
C ASP D 85 -9.81 -13.52 22.50
N HIS D 86 -9.01 -12.65 23.14
CA HIS D 86 -8.14 -13.11 24.21
C HIS D 86 -8.61 -12.57 25.56
N ILE D 87 -8.74 -13.36 26.64
CA ILE D 87 -9.03 -12.88 27.98
C ILE D 87 -7.80 -13.27 28.78
N LEU D 88 -6.97 -12.28 29.08
CA LEU D 88 -5.73 -12.49 29.80
C LEU D 88 -5.85 -12.10 31.28
N VAL D 89 -5.82 -13.11 32.14
CA VAL D 89 -5.91 -12.91 33.57
C VAL D 89 -4.53 -12.81 34.22
N MET D 90 -4.48 -12.17 35.39
CA MET D 90 -3.23 -11.98 36.10
C MET D 90 -2.73 -13.23 36.85
N ASP D 91 -3.61 -13.87 37.62
CA ASP D 91 -3.22 -15.06 38.36
C ASP D 91 -4.24 -16.19 38.22
N ARG D 92 -3.97 -17.30 38.89
CA ARG D 92 -4.87 -18.45 38.78
C ARG D 92 -6.19 -18.26 39.55
N GLU D 93 -6.21 -17.36 40.53
CA GLU D 93 -7.48 -17.11 41.23
C GLU D 93 -8.42 -16.43 40.24
N ASN D 94 -7.88 -15.52 39.43
CA ASN D 94 -8.65 -14.79 38.42
C ASN D 94 -9.19 -15.76 37.38
N LEU D 95 -8.32 -16.67 36.95
CA LEU D 95 -8.67 -17.68 35.96
C LEU D 95 -9.85 -18.50 36.46
N GLU D 96 -9.73 -19.05 37.67
CA GLU D 96 -10.80 -19.85 38.24
C GLU D 96 -12.09 -19.04 38.39
N GLU D 97 -11.97 -17.80 38.85
CA GLU D 97 -13.16 -16.97 39.02
C GLU D 97 -13.86 -16.70 37.68
N VAL D 98 -13.09 -16.41 36.64
CA VAL D 98 -13.67 -16.17 35.32
C VAL D 98 -14.39 -17.42 34.84
N LEU D 99 -13.75 -18.58 35.01
CA LEU D 99 -14.36 -19.84 34.58
C LEU D 99 -15.57 -20.22 35.44
N ARG D 100 -15.55 -19.83 36.71
CA ARG D 100 -16.69 -20.12 37.60
C ARG D 100 -17.93 -19.37 37.12
N ARG D 101 -17.79 -18.06 36.93
CA ARG D 101 -18.91 -17.22 36.50
C ARG D 101 -19.32 -17.42 35.05
N PHE D 102 -18.34 -17.59 34.17
CA PHE D 102 -18.61 -17.76 32.74
C PHE D 102 -17.83 -18.97 32.20
N PRO D 103 -18.33 -20.18 32.44
CA PRO D 103 -17.64 -21.39 31.96
C PRO D 103 -17.36 -21.42 30.46
N GLU D 104 -18.15 -20.68 29.68
CA GLU D 104 -17.96 -20.65 28.24
C GLU D 104 -16.73 -19.85 27.83
N ALA D 105 -15.96 -19.38 28.81
CA ALA D 105 -14.76 -18.60 28.54
C ALA D 105 -13.56 -19.55 28.39
N ARG D 106 -13.80 -20.83 28.67
CA ARG D 106 -12.79 -21.88 28.61
C ARG D 106 -11.71 -21.75 27.53
N GLY D 107 -12.13 -21.63 26.27
CA GLY D 107 -11.16 -21.54 25.20
C GLY D 107 -10.60 -20.15 24.90
N LYS D 108 -10.82 -19.18 25.79
CA LYS D 108 -10.33 -17.82 25.57
C LYS D 108 -9.50 -17.24 26.70
N VAL D 109 -9.70 -17.75 27.91
CA VAL D 109 -9.00 -17.23 29.06
C VAL D 109 -7.71 -17.97 29.41
N ARG D 110 -6.66 -17.20 29.70
CA ARG D 110 -5.38 -17.78 30.08
C ARG D 110 -4.51 -16.75 30.79
N LEU D 111 -3.53 -17.24 31.55
CA LEU D 111 -2.63 -16.36 32.30
C LEU D 111 -1.86 -15.47 31.34
N VAL D 112 -1.74 -14.19 31.68
CA VAL D 112 -1.01 -13.26 30.81
C VAL D 112 0.47 -13.61 30.71
N LEU D 113 1.04 -14.15 31.77
CA LEU D 113 2.45 -14.53 31.72
C LEU D 113 2.65 -15.85 30.99
N GLU D 114 1.52 -16.45 30.55
CA GLU D 114 1.60 -17.70 29.82
C GLU D 114 2.43 -17.54 28.54
N GLU D 115 2.66 -16.27 28.16
CA GLU D 115 3.46 -16.00 26.98
C GLU D 115 4.93 -16.34 27.20
N LEU D 116 5.45 -15.88 28.35
CA LEU D 116 6.84 -16.16 28.68
C LEU D 116 6.98 -17.50 29.39
N GLY D 117 6.11 -18.46 29.11
CA GLY D 117 6.21 -19.76 29.76
C GLY D 117 5.09 -20.03 30.75
N GLY D 118 4.93 -19.12 31.71
CA GLY D 118 3.88 -19.29 32.71
C GLY D 118 4.14 -18.45 33.95
N GLY D 119 3.28 -18.57 34.95
CA GLY D 119 3.46 -17.80 36.17
C GLY D 119 2.32 -16.83 36.44
N GLU D 120 2.30 -16.27 37.63
CA GLU D 120 1.26 -15.33 38.03
C GLU D 120 1.84 -13.95 38.33
N VAL D 121 1.14 -12.91 37.89
CA VAL D 121 1.58 -11.55 38.17
C VAL D 121 1.11 -11.30 39.60
N GLN D 122 2.04 -11.11 40.52
CA GLN D 122 1.66 -10.92 41.92
C GLN D 122 0.90 -9.62 42.14
N ASP D 123 -0.05 -9.67 43.08
CA ASP D 123 -0.88 -8.53 43.43
C ASP D 123 -0.05 -7.56 44.29
N PRO D 124 0.13 -6.32 43.80
CA PRO D 124 0.89 -5.29 44.51
C PRO D 124 0.06 -4.36 45.38
N TYR D 125 -1.23 -4.66 45.51
CA TYR D 125 -2.14 -3.81 46.27
C TYR D 125 -1.70 -3.50 47.70
N TYR D 126 -1.10 -4.47 48.37
CA TYR D 126 -0.66 -4.29 49.75
C TYR D 126 0.82 -3.89 49.84
N GLY D 127 1.43 -3.65 48.69
CA GLY D 127 2.83 -3.26 48.68
C GLY D 127 2.95 -1.75 48.57
N ASP D 128 3.98 -1.28 47.89
CA ASP D 128 4.17 0.16 47.71
C ASP D 128 4.41 0.49 46.26
N LEU D 129 4.92 1.70 46.01
CA LEU D 129 5.20 2.16 44.66
C LEU D 129 6.18 1.26 43.90
N GLU D 130 7.18 0.75 44.59
CA GLU D 130 8.18 -0.11 43.96
C GLU D 130 7.62 -1.45 43.49
N ASP D 131 6.73 -2.05 44.29
CA ASP D 131 6.12 -3.31 43.93
C ASP D 131 5.36 -3.12 42.62
N PHE D 132 4.71 -1.96 42.48
CA PHE D 132 3.97 -1.62 41.28
C PHE D 132 4.91 -1.48 40.09
N ARG D 133 6.11 -0.94 40.33
CA ARG D 133 7.09 -0.80 39.26
C ARG D 133 7.52 -2.19 38.81
N GLU D 134 7.66 -3.10 39.77
CA GLU D 134 8.04 -4.47 39.47
C GLU D 134 6.96 -5.14 38.61
N VAL D 135 5.71 -4.80 38.90
CA VAL D 135 4.58 -5.35 38.16
C VAL D 135 4.58 -4.80 36.73
N TYR D 136 4.81 -3.49 36.62
CA TYR D 136 4.85 -2.84 35.31
C TYR D 136 5.83 -3.52 34.37
N TRP D 137 7.07 -3.68 34.80
CA TRP D 137 8.09 -4.31 33.96
C TRP D 137 7.83 -5.78 33.70
N THR D 138 7.16 -6.44 34.64
CA THR D 138 6.84 -7.85 34.43
C THR D 138 5.80 -7.92 33.29
N LEU D 139 4.79 -7.04 33.35
CA LEU D 139 3.76 -7.01 32.31
C LEU D 139 4.32 -6.51 30.99
N GLU D 140 5.22 -5.53 31.06
CA GLU D 140 5.82 -4.96 29.87
C GLU D 140 6.51 -6.04 29.04
N ALA D 141 7.26 -6.92 29.70
CA ALA D 141 7.97 -7.99 29.00
C ALA D 141 7.00 -8.99 28.38
N ALA D 142 5.96 -9.34 29.13
CA ALA D 142 4.97 -10.28 28.62
C ALA D 142 4.22 -9.72 27.41
N LEU D 143 3.86 -8.43 27.47
CA LEU D 143 3.12 -7.82 26.37
C LEU D 143 3.98 -7.62 25.12
N GLN D 144 5.26 -7.35 25.32
CA GLN D 144 6.17 -7.19 24.18
C GLN D 144 6.21 -8.55 23.49
N ALA D 145 6.32 -9.60 24.29
CA ALA D 145 6.36 -10.96 23.78
C ALA D 145 5.07 -11.32 23.06
N PHE D 146 3.93 -10.83 23.57
CA PHE D 146 2.63 -11.11 22.98
C PHE D 146 2.56 -10.52 21.58
N LEU D 147 2.92 -9.25 21.46
CA LEU D 147 2.87 -8.57 20.17
C LEU D 147 3.89 -9.16 19.19
N ASP D 148 4.99 -9.71 19.70
CA ASP D 148 5.98 -10.33 18.83
C ASP D 148 5.37 -11.57 18.19
N ARG D 149 4.44 -12.22 18.88
CA ARG D 149 3.73 -13.44 18.47
C ARG D 149 2.57 -13.14 17.50
N HIS D 150 1.60 -12.41 18.05
CA HIS D 150 0.37 -12.11 17.34
C HIS D 150 0.46 -10.84 16.48
N GLY D 151 1.58 -10.13 16.60
CA GLY D 151 1.75 -8.92 15.82
C GLY D 151 2.21 -9.22 14.40
MG MG E . 17.94 13.85 10.80
MG MG F . -12.36 -19.03 -9.90
MG MG G . 5.78 6.13 -31.72
MG MG H . -11.99 0.21 29.97
#